data_4OFN
#
_entry.id   4OFN
#
_cell.length_a   84.554
_cell.length_b   45.213
_cell.length_c   113.763
_cell.angle_alpha   90.00
_cell.angle_beta   112.11
_cell.angle_gamma   90.00
#
_symmetry.space_group_name_H-M   'C 1 2 1'
#
loop_
_entity.id
_entity.type
_entity.pdbx_description
1 polymer 'Glutathione S-transferase-1'
2 non-polymer GLUTATHIONE
3 water water
#
_entity_poly.entity_id   1
_entity_poly.type   'polypeptide(L)'
_entity_poly.pdbx_seq_one_letter_code
;MVHYKLTYFAIRGAGECARQIFALADQEFEDVRLDKEQFAKVKPDLPFGQVPVLEVDGKQLAQSLAICRYLARQFGFAGK
STFDEAVVDSLADQYSDYRVEIKSFFYTVIGMREGDVEQLKKEVLLPARDKFFGFITKFLKKSPSGFLVGDSLTWVDLLV
SEHNATMLTFVPEFLEGYPEVKEHMEKIRAIPKLKKWIETRPETLF
;
_entity_poly.pdbx_strand_id   A,B
#
loop_
_chem_comp.id
_chem_comp.type
_chem_comp.name
_chem_comp.formula
GSH non-polymer GLUTATHIONE 'C10 H17 N3 O6 S'
#
# COMPACT_ATOMS: atom_id res chain seq x y z
N MET A 1 29.43 7.85 -2.93
CA MET A 1 28.82 6.78 -2.08
C MET A 1 27.56 7.31 -1.38
N VAL A 2 26.42 6.72 -1.71
CA VAL A 2 25.14 7.15 -1.17
C VAL A 2 25.04 6.74 0.30
N HIS A 3 24.66 7.69 1.15
CA HIS A 3 24.53 7.49 2.60
C HIS A 3 23.05 7.30 2.94
N TYR A 4 22.72 6.12 3.47
CA TYR A 4 21.35 5.78 3.84
C TYR A 4 21.16 5.81 5.36
N LYS A 5 20.08 6.46 5.80
CA LYS A 5 19.75 6.54 7.23
C LYS A 5 18.31 6.08 7.45
N LEU A 6 18.14 4.97 8.15
CA LEU A 6 16.81 4.46 8.48
C LEU A 6 16.46 4.75 9.93
N THR A 7 15.32 5.41 10.14
CA THR A 7 14.84 5.77 11.48
C THR A 7 13.52 5.07 11.79
N TYR A 8 13.51 4.28 12.86
CA TYR A 8 12.33 3.52 13.28
C TYR A 8 12.49 3.21 14.78
N PHE A 9 11.52 2.54 15.38
CA PHE A 9 11.61 2.12 16.79
C PHE A 9 12.57 0.94 16.98
N ALA A 10 12.89 0.64 18.24
CA ALA A 10 13.80 -0.45 18.59
C ALA A 10 13.10 -1.81 18.49
N ILE A 11 12.76 -2.17 17.25
CA ILE A 11 12.00 -3.38 16.94
C ILE A 11 12.14 -3.64 15.45
N ARG A 12 11.72 -4.82 15.00
CA ARG A 12 11.77 -5.17 13.59
C ARG A 12 10.60 -4.54 12.84
N GLY A 13 9.38 -4.96 13.18
CA GLY A 13 8.15 -4.40 12.62
C GLY A 13 8.23 -4.04 11.13
N ALA A 14 7.77 -2.84 10.79
CA ALA A 14 7.70 -2.41 9.39
C ALA A 14 9.03 -1.87 8.84
N GLY A 15 10.03 -1.72 9.70
CA GLY A 15 11.36 -1.27 9.29
C GLY A 15 12.32 -2.38 8.87
N GLU A 16 12.02 -3.61 9.27
CA GLU A 16 12.94 -4.74 9.05
C GLU A 16 13.16 -5.04 7.56
N CYS A 17 12.09 -4.95 6.78
CA CYS A 17 12.19 -5.29 5.36
C CYS A 17 13.25 -4.44 4.67
N ALA A 18 13.22 -3.14 4.92
CA ALA A 18 14.24 -2.24 4.43
C ALA A 18 15.64 -2.65 4.93
N ARG A 19 15.75 -3.02 6.20
CA ARG A 19 17.03 -3.43 6.78
C ARG A 19 17.59 -4.70 6.12
N GLN A 20 16.72 -5.65 5.81
CA GLN A 20 17.14 -6.90 5.17
C GLN A 20 17.63 -6.67 3.74
N ILE A 21 17.07 -5.66 3.06
CA ILE A 21 17.54 -5.28 1.72
C ILE A 21 18.97 -4.73 1.79
N PHE A 22 19.22 -3.81 2.73
CA PHE A 22 20.57 -3.28 2.92
C PHE A 22 21.61 -4.36 3.21
N ALA A 23 21.19 -5.39 3.95
CA ALA A 23 22.06 -6.53 4.25
C ALA A 23 22.32 -7.35 3.00
N LEU A 24 21.28 -7.62 2.22
CA LEU A 24 21.41 -8.39 0.98
C LEU A 24 22.18 -7.65 -0.10
N ALA A 25 22.18 -6.33 -0.05
CA ALA A 25 22.94 -5.51 -0.99
C ALA A 25 24.35 -5.20 -0.51
N ASP A 26 24.73 -5.73 0.66
CA ASP A 26 26.00 -5.38 1.30
C ASP A 26 26.20 -3.87 1.36
N GLN A 27 25.16 -3.17 1.80
CA GLN A 27 25.16 -1.71 1.84
C GLN A 27 25.19 -1.18 3.29
N GLU A 28 26.26 -0.45 3.61
CA GLU A 28 26.34 0.30 4.87
C GLU A 28 25.17 1.31 4.99
N PHE A 29 24.61 1.43 6.19
CA PHE A 29 23.51 2.35 6.45
C PHE A 29 23.38 2.66 7.94
N GLU A 30 22.90 3.86 8.25
CA GLU A 30 22.70 4.29 9.63
C GLU A 30 21.36 3.79 10.15
N ASP A 31 21.39 2.80 11.03
CA ASP A 31 20.17 2.20 11.57
C ASP A 31 19.84 2.85 12.91
N VAL A 32 19.02 3.89 12.86
CA VAL A 32 18.61 4.64 14.05
C VAL A 32 17.38 3.99 14.67
N ARG A 33 17.49 3.59 15.93
CA ARG A 33 16.39 3.00 16.68
C ARG A 33 16.03 3.91 17.86
N LEU A 34 14.82 4.46 17.83
CA LEU A 34 14.38 5.47 18.80
C LEU A 34 13.50 4.89 19.90
N ASP A 35 13.40 5.62 21.01
CA ASP A 35 12.43 5.31 22.06
C ASP A 35 11.29 6.34 22.04
N LYS A 36 10.31 6.16 22.91
CA LYS A 36 9.10 7.02 22.90
C LYS A 36 9.40 8.49 23.17
N GLU A 37 10.40 8.76 24.01
CA GLU A 37 10.82 10.15 24.28
C GLU A 37 11.48 10.78 23.06
N GLN A 38 12.39 10.05 22.44
CA GLN A 38 13.15 10.57 21.30
C GLN A 38 12.30 10.70 20.03
N PHE A 39 11.34 9.80 19.82
CA PHE A 39 10.40 9.90 18.70
C PHE A 39 9.54 11.17 18.82
N ALA A 40 9.12 11.50 20.04
CA ALA A 40 8.32 12.70 20.30
C ALA A 40 9.06 13.97 19.87
N LYS A 41 10.37 13.98 20.06
CA LYS A 41 11.22 15.12 19.71
C LYS A 41 11.38 15.31 18.20
N VAL A 42 11.40 14.21 17.44
CA VAL A 42 11.58 14.28 15.98
C VAL A 42 10.28 14.20 15.20
N LYS A 43 9.22 13.70 15.83
CA LYS A 43 7.93 13.43 15.16
C LYS A 43 7.39 14.58 14.31
N PRO A 44 7.42 15.82 14.85
CA PRO A 44 6.84 16.94 14.09
C PRO A 44 7.54 17.25 12.76
N ASP A 45 8.80 16.85 12.62
CA ASP A 45 9.58 17.12 11.41
C ASP A 45 9.65 15.92 10.45
N LEU A 46 8.77 14.94 10.65
CA LEU A 46 8.69 13.78 9.75
C LEU A 46 7.53 13.99 8.77
N PRO A 47 7.66 13.45 7.55
CA PRO A 47 6.65 13.69 6.51
C PRO A 47 5.20 13.52 6.97
N PHE A 48 4.89 12.40 7.59
CA PHE A 48 3.53 12.12 8.06
C PHE A 48 3.47 11.85 9.56
N GLY A 49 4.47 12.34 10.28
CA GLY A 49 4.53 12.23 11.74
C GLY A 49 4.71 10.81 12.24
N GLN A 50 5.39 10.00 11.44
CA GLN A 50 5.41 8.56 11.61
C GLN A 50 6.73 7.96 11.16
N VAL A 51 7.05 6.77 11.67
CA VAL A 51 8.21 5.99 11.22
C VAL A 51 7.75 4.60 10.74
N PRO A 52 8.52 3.94 9.87
CA PRO A 52 9.88 4.22 9.37
C PRO A 52 10.01 5.40 8.40
N VAL A 53 11.18 6.01 8.40
CA VAL A 53 11.52 7.09 7.47
C VAL A 53 12.92 6.88 6.94
N LEU A 54 13.05 6.81 5.62
CA LEU A 54 14.36 6.65 4.98
C LEU A 54 14.89 8.01 4.56
N GLU A 55 16.17 8.24 4.81
CA GLU A 55 16.85 9.45 4.36
C GLU A 55 17.98 9.09 3.40
N VAL A 56 17.82 9.48 2.14
CA VAL A 56 18.83 9.23 1.11
C VAL A 56 19.57 10.54 0.83
N ASP A 57 20.78 10.64 1.37
CA ASP A 57 21.61 11.85 1.26
C ASP A 57 20.84 13.10 1.68
N GLY A 58 20.12 13.00 2.80
CA GLY A 58 19.31 14.10 3.31
C GLY A 58 17.83 14.01 3.01
N LYS A 59 17.48 13.54 1.81
CA LYS A 59 16.09 13.53 1.35
C LYS A 59 15.25 12.51 2.12
N GLN A 60 14.27 12.99 2.87
CA GLN A 60 13.37 12.13 3.63
C GLN A 60 12.35 11.42 2.75
N LEU A 61 12.04 10.17 3.11
CA LEU A 61 11.06 9.33 2.41
C LEU A 61 10.35 8.44 3.43
N ALA A 62 9.05 8.65 3.62
CA ALA A 62 8.27 7.89 4.59
C ALA A 62 7.58 6.68 3.96
N GLN A 63 6.90 5.89 4.79
CA GLN A 63 6.09 4.72 4.37
C GLN A 63 6.91 3.49 3.95
N SER A 64 6.77 2.41 4.71
CA SER A 64 7.57 1.19 4.57
C SER A 64 7.53 0.55 3.18
N LEU A 65 6.35 0.51 2.57
CA LEU A 65 6.21 -0.08 1.23
C LEU A 65 6.97 0.74 0.20
N ALA A 66 6.85 2.06 0.30
CA ALA A 66 7.58 2.98 -0.58
C ALA A 66 9.09 2.94 -0.34
N ILE A 67 9.48 2.78 0.92
CA ILE A 67 10.89 2.65 1.29
C ILE A 67 11.46 1.35 0.72
N CYS A 68 10.80 0.24 1.01
CA CYS A 68 11.27 -1.07 0.55
C CYS A 68 11.30 -1.19 -0.96
N ARG A 69 10.26 -0.68 -1.63
CA ARG A 69 10.20 -0.70 -3.09
C ARG A 69 11.32 0.14 -3.71
N TYR A 70 11.53 1.33 -3.16
CA TYR A 70 12.61 2.20 -3.62
C TYR A 70 13.97 1.50 -3.52
N LEU A 71 14.28 0.99 -2.33
CA LEU A 71 15.54 0.29 -2.08
C LEU A 71 15.66 -1.01 -2.88
N ALA A 72 14.53 -1.66 -3.15
CA ALA A 72 14.51 -2.84 -4.00
C ALA A 72 14.93 -2.50 -5.42
N ARG A 73 14.39 -1.40 -5.95
CA ARG A 73 14.71 -0.97 -7.32
C ARG A 73 16.17 -0.60 -7.49
N GLN A 74 16.75 0.09 -6.50
CA GLN A 74 18.14 0.53 -6.57
C GLN A 74 19.14 -0.63 -6.60
N PHE A 75 18.86 -1.67 -5.82
CA PHE A 75 19.78 -2.81 -5.69
C PHE A 75 19.32 -4.05 -6.47
N GLY A 76 18.16 -3.97 -7.12
CA GLY A 76 17.71 -5.01 -8.03
C GLY A 76 17.01 -6.19 -7.38
N PHE A 77 16.11 -5.91 -6.45
CA PHE A 77 15.26 -6.94 -5.85
C PHE A 77 13.77 -6.59 -6.04
N ALA A 78 13.49 -5.81 -7.08
CA ALA A 78 12.12 -5.35 -7.35
C ALA A 78 11.36 -6.27 -8.30
N GLY A 79 12.10 -6.96 -9.16
CA GLY A 79 11.54 -7.73 -10.26
C GLY A 79 12.26 -7.37 -11.54
N LYS A 80 12.29 -8.30 -12.48
CA LYS A 80 13.03 -8.12 -13.74
C LYS A 80 12.21 -7.47 -14.87
N SER A 81 10.99 -7.01 -14.56
CA SER A 81 10.20 -6.19 -15.48
C SER A 81 9.18 -5.37 -14.69
N THR A 82 8.64 -4.33 -15.32
CA THR A 82 7.68 -3.44 -14.64
C THR A 82 6.40 -4.19 -14.24
N PHE A 83 6.00 -5.17 -15.05
CA PHE A 83 4.84 -5.99 -14.73
C PHE A 83 5.13 -6.92 -13.55
N ASP A 84 6.29 -7.57 -13.57
CA ASP A 84 6.72 -8.39 -12.44
C ASP A 84 6.81 -7.54 -11.18
N GLU A 85 7.36 -6.35 -11.32
CA GLU A 85 7.37 -5.37 -10.22
C GLU A 85 5.95 -5.03 -9.75
N ALA A 86 5.03 -4.91 -10.70
CA ALA A 86 3.61 -4.69 -10.36
C ALA A 86 3.01 -5.88 -9.64
N VAL A 87 3.34 -7.09 -10.07
CA VAL A 87 2.86 -8.31 -9.42
C VAL A 87 3.48 -8.46 -8.02
N VAL A 88 4.74 -8.08 -7.89
CA VAL A 88 5.42 -8.04 -6.59
C VAL A 88 4.74 -7.02 -5.68
N ASP A 89 4.43 -5.84 -6.22
CA ASP A 89 3.67 -4.82 -5.48
C ASP A 89 2.33 -5.37 -4.97
N SER A 90 1.67 -6.17 -5.79
CA SER A 90 0.34 -6.71 -5.45
C SER A 90 0.36 -7.66 -4.25
N LEU A 91 1.39 -8.49 -4.19
CA LEU A 91 1.59 -9.39 -3.07
C LEU A 91 1.89 -8.62 -1.78
N ALA A 92 2.62 -7.52 -1.92
CA ALA A 92 2.98 -6.68 -0.77
C ALA A 92 1.75 -5.97 -0.19
N ASP A 93 0.87 -5.50 -1.06
CA ASP A 93 -0.37 -4.84 -0.63
C ASP A 93 -1.35 -5.83 -0.03
N GLN A 94 -1.40 -7.03 -0.61
CA GLN A 94 -2.24 -8.11 -0.07
C GLN A 94 -1.75 -8.50 1.32
N TYR A 95 -0.43 -8.48 1.50
CA TYR A 95 0.18 -8.69 2.81
C TYR A 95 -0.23 -7.59 3.80
N SER A 96 -0.23 -6.34 3.33
CA SER A 96 -0.68 -5.22 4.15
C SER A 96 -2.15 -5.33 4.57
N ASP A 97 -3.02 -5.70 3.63
CA ASP A 97 -4.44 -5.93 3.95
C ASP A 97 -4.60 -7.06 4.96
N TYR A 98 -3.72 -8.05 4.86
CA TYR A 98 -3.68 -9.17 5.80
C TYR A 98 -3.24 -8.75 7.20
N ARG A 99 -2.35 -7.77 7.29
CA ARG A 99 -1.96 -7.19 8.59
C ARG A 99 -3.07 -6.36 9.21
N VAL A 100 -3.86 -5.68 8.39
CA VAL A 100 -5.02 -4.95 8.88
C VAL A 100 -6.03 -5.91 9.49
N GLU A 101 -6.22 -7.06 8.85
CA GLU A 101 -7.11 -8.13 9.34
C GLU A 101 -6.71 -8.63 10.74
N ILE A 102 -5.43 -8.90 10.93
CA ILE A 102 -4.94 -9.49 12.19
C ILE A 102 -4.42 -8.47 13.21
N LYS A 103 -4.62 -7.19 12.95
CA LYS A 103 -4.20 -6.13 13.88
C LYS A 103 -4.75 -6.42 15.28
N SER A 104 -6.05 -6.67 15.35
CA SER A 104 -6.75 -7.10 16.57
C SER A 104 -5.96 -8.13 17.40
N PHE A 105 -5.42 -9.13 16.73
CA PHE A 105 -4.65 -10.20 17.38
C PHE A 105 -3.19 -9.79 17.63
N PHE A 106 -2.56 -9.18 16.63
CA PHE A 106 -1.13 -8.88 16.69
C PHE A 106 -0.76 -7.93 17.85
N TYR A 107 -1.52 -6.84 17.99
CA TYR A 107 -1.29 -5.87 19.07
C TYR A 107 -1.63 -6.41 20.46
N THR A 108 -2.51 -7.40 20.52
CA THR A 108 -2.90 -8.02 21.80
C THR A 108 -1.74 -8.83 22.40
N VAL A 109 -1.17 -9.72 21.60
CA VAL A 109 -0.05 -10.54 22.07
C VAL A 109 1.10 -9.68 22.57
N ILE A 110 1.58 -8.77 21.73
CA ILE A 110 2.74 -7.95 22.08
C ILE A 110 2.43 -6.96 23.22
N GLY A 111 1.16 -6.65 23.41
CA GLY A 111 0.70 -5.86 24.55
C GLY A 111 0.69 -4.36 24.31
N MET A 112 0.26 -3.95 23.12
CA MET A 112 0.04 -2.54 22.80
C MET A 112 -1.44 -2.18 22.93
N ARG A 113 -2.30 -3.20 22.99
CA ARG A 113 -3.74 -3.02 23.14
C ARG A 113 -4.32 -4.16 23.97
N GLU A 114 -5.46 -3.89 24.62
CA GLU A 114 -6.12 -4.82 25.52
C GLU A 114 -7.03 -5.77 24.74
N GLY A 115 -6.89 -7.08 24.97
CA GLY A 115 -7.76 -8.06 24.33
C GLY A 115 -7.58 -9.49 24.85
N ASP A 116 -8.47 -10.38 24.41
CA ASP A 116 -8.43 -11.81 24.72
C ASP A 116 -7.58 -12.54 23.68
N VAL A 117 -6.57 -13.28 24.11
CA VAL A 117 -5.63 -13.93 23.19
C VAL A 117 -6.26 -15.12 22.45
N GLU A 118 -6.97 -15.98 23.16
CA GLU A 118 -7.34 -17.29 22.62
C GLU A 118 -8.43 -17.27 21.53
N GLN A 119 -9.46 -16.46 21.73
CA GLN A 119 -10.56 -16.36 20.75
C GLN A 119 -10.12 -15.58 19.51
N LEU A 120 -9.35 -14.51 19.71
CA LEU A 120 -8.78 -13.73 18.61
C LEU A 120 -7.90 -14.60 17.71
N LYS A 121 -7.22 -15.58 18.31
CA LYS A 121 -6.40 -16.51 17.56
C LYS A 121 -7.25 -17.31 16.58
N LYS A 122 -8.22 -18.05 17.12
CA LYS A 122 -9.00 -18.98 16.31
C LYS A 122 -10.05 -18.28 15.44
N GLU A 123 -10.55 -17.14 15.92
CA GLU A 123 -11.65 -16.45 15.25
C GLU A 123 -11.20 -15.34 14.28
N VAL A 124 -9.99 -14.85 14.46
CA VAL A 124 -9.48 -13.78 13.60
C VAL A 124 -8.19 -14.18 12.87
N LEU A 125 -7.17 -14.60 13.63
CA LEU A 125 -5.86 -14.89 13.05
C LEU A 125 -5.89 -16.02 12.02
N LEU A 126 -6.20 -17.22 12.49
CA LEU A 126 -6.11 -18.42 11.64
C LEU A 126 -6.99 -18.36 10.38
N PRO A 127 -8.21 -17.79 10.49
CA PRO A 127 -9.02 -17.57 9.28
C PRO A 127 -8.36 -16.62 8.26
N ALA A 128 -7.77 -15.53 8.74
CA ALA A 128 -7.05 -14.59 7.87
C ALA A 128 -5.82 -15.27 7.24
N ARG A 129 -5.13 -16.08 8.03
CA ARG A 129 -3.96 -16.82 7.56
C ARG A 129 -4.35 -17.83 6.48
N ASP A 130 -5.42 -18.59 6.72
CA ASP A 130 -5.93 -19.57 5.76
C ASP A 130 -6.10 -18.92 4.40
N LYS A 131 -6.91 -17.87 4.36
CA LYS A 131 -7.19 -17.12 3.13
C LYS A 131 -5.91 -16.60 2.49
N PHE A 132 -5.03 -16.03 3.30
CA PHE A 132 -3.80 -15.41 2.81
C PHE A 132 -2.80 -16.43 2.25
N PHE A 133 -2.53 -17.49 3.02
CA PHE A 133 -1.67 -18.57 2.56
C PHE A 133 -2.27 -19.31 1.36
N GLY A 134 -3.59 -19.30 1.23
CA GLY A 134 -4.25 -19.84 0.05
C GLY A 134 -3.76 -19.15 -1.22
N PHE A 135 -3.70 -17.82 -1.19
CA PHE A 135 -3.16 -17.04 -2.30
C PHE A 135 -1.65 -17.21 -2.42
N ILE A 136 -0.96 -17.24 -1.29
CA ILE A 136 0.51 -17.42 -1.28
C ILE A 136 0.90 -18.76 -1.90
N THR A 137 0.28 -19.85 -1.40
CA THR A 137 0.55 -21.20 -1.93
C THR A 137 0.34 -21.22 -3.44
N LYS A 138 -0.78 -20.66 -3.87
CA LYS A 138 -1.10 -20.49 -5.30
C LYS A 138 0.05 -19.85 -6.11
N PHE A 139 0.73 -18.85 -5.56
CA PHE A 139 1.89 -18.24 -6.22
C PHE A 139 3.12 -19.15 -6.20
N LEU A 140 3.31 -19.87 -5.09
CA LEU A 140 4.45 -20.78 -4.94
C LEU A 140 4.35 -22.01 -5.83
N LYS A 141 3.17 -22.59 -5.94
CA LYS A 141 2.96 -23.73 -6.85
C LYS A 141 3.04 -23.31 -8.33
N LYS A 142 2.81 -22.04 -8.61
CA LYS A 142 3.02 -21.46 -9.94
C LYS A 142 4.49 -21.14 -10.20
N SER A 143 5.31 -21.17 -9.15
CA SER A 143 6.72 -20.83 -9.24
C SER A 143 7.60 -22.08 -9.29
N PRO A 144 8.39 -22.23 -10.37
CA PRO A 144 9.39 -23.30 -10.39
C PRO A 144 10.63 -22.98 -9.57
N SER A 145 11.03 -21.70 -9.53
CA SER A 145 12.27 -21.29 -8.87
C SER A 145 12.22 -21.32 -7.34
N GLY A 146 11.01 -21.25 -6.78
CA GLY A 146 10.82 -21.18 -5.33
C GLY A 146 10.35 -19.81 -4.86
N PHE A 147 10.81 -18.76 -5.53
CA PHE A 147 10.48 -17.38 -5.14
C PHE A 147 9.03 -17.04 -5.48
N LEU A 148 8.48 -16.06 -4.76
CA LEU A 148 7.07 -15.71 -4.90
C LEU A 148 6.68 -15.23 -6.30
N VAL A 149 7.63 -14.63 -7.01
CA VAL A 149 7.38 -14.16 -8.37
C VAL A 149 8.71 -14.03 -9.14
N GLY A 150 8.65 -14.32 -10.44
CA GLY A 150 9.84 -14.36 -11.28
C GLY A 150 10.74 -15.55 -10.94
N ASP A 151 11.99 -15.48 -11.39
CA ASP A 151 12.97 -16.54 -11.12
C ASP A 151 14.12 -16.04 -10.22
N SER A 152 13.83 -15.10 -9.33
CA SER A 152 14.85 -14.53 -8.43
C SER A 152 14.22 -13.83 -7.23
N LEU A 153 15.06 -13.49 -6.25
CA LEU A 153 14.62 -12.85 -5.00
C LEU A 153 14.03 -11.47 -5.28
N THR A 154 12.86 -11.20 -4.69
CA THR A 154 12.29 -9.85 -4.66
C THR A 154 11.89 -9.49 -3.23
N TRP A 155 11.85 -8.19 -2.95
CA TRP A 155 11.60 -7.68 -1.59
C TRP A 155 10.36 -8.21 -0.85
N VAL A 156 9.37 -8.72 -1.59
CA VAL A 156 8.19 -9.33 -0.95
C VAL A 156 8.52 -10.72 -0.41
N ASP A 157 9.50 -11.40 -1.01
CA ASP A 157 10.05 -12.64 -0.45
C ASP A 157 10.55 -12.40 0.97
N LEU A 158 11.14 -11.22 1.20
CA LEU A 158 11.64 -10.83 2.52
C LEU A 158 10.50 -10.56 3.49
N LEU A 159 9.56 -9.72 3.06
CA LEU A 159 8.36 -9.40 3.87
C LEU A 159 7.68 -10.65 4.40
N VAL A 160 7.41 -11.59 3.50
CA VAL A 160 6.62 -12.78 3.83
C VAL A 160 7.41 -13.76 4.70
N SER A 161 8.69 -13.96 4.39
CA SER A 161 9.58 -14.81 5.18
C SER A 161 9.71 -14.32 6.63
N GLU A 162 9.99 -13.03 6.78
CA GLU A 162 10.17 -12.42 8.10
C GLU A 162 8.91 -12.50 8.95
N HIS A 163 7.75 -12.29 8.33
CA HIS A 163 6.49 -12.32 9.06
C HIS A 163 6.18 -13.72 9.60
N ASN A 164 6.32 -14.73 8.74
CA ASN A 164 6.09 -16.11 9.14
C ASN A 164 7.08 -16.57 10.21
N ALA A 165 8.35 -16.17 10.07
CA ALA A 165 9.37 -16.46 11.08
C ALA A 165 9.04 -15.79 12.41
N THR A 166 8.55 -14.56 12.34
CA THR A 166 8.14 -13.83 13.54
C THR A 166 6.92 -14.47 14.18
N MET A 167 5.92 -14.83 13.38
CA MET A 167 4.68 -15.41 13.89
C MET A 167 4.86 -16.77 14.57
N LEU A 168 5.87 -17.54 14.13
CA LEU A 168 6.19 -18.81 14.77
C LEU A 168 6.61 -18.65 16.23
N THR A 169 7.17 -17.49 16.57
CA THR A 169 7.58 -17.19 17.95
C THR A 169 6.36 -17.15 18.89
N PHE A 170 5.23 -16.60 18.42
CA PHE A 170 4.04 -16.45 19.24
C PHE A 170 3.06 -17.61 19.03
N VAL A 171 2.91 -18.04 17.77
CA VAL A 171 2.04 -19.15 17.41
C VAL A 171 2.90 -20.21 16.72
N PRO A 172 3.36 -21.23 17.48
CA PRO A 172 4.18 -22.31 16.90
C PRO A 172 3.50 -23.14 15.82
N GLU A 173 2.18 -23.21 15.85
CA GLU A 173 1.43 -24.04 14.91
C GLU A 173 0.99 -23.29 13.63
N PHE A 174 1.76 -22.29 13.23
CA PHE A 174 1.33 -21.37 12.18
C PHE A 174 1.42 -21.99 10.77
N LEU A 175 2.48 -22.74 10.50
CA LEU A 175 2.74 -23.30 9.15
C LEU A 175 2.56 -24.83 9.09
N GLU A 176 1.46 -25.36 9.63
CA GLU A 176 1.28 -26.82 9.70
C GLU A 176 0.84 -27.48 8.38
N GLY A 177 -0.29 -27.02 7.83
CA GLY A 177 -0.80 -27.58 6.57
C GLY A 177 -0.37 -26.79 5.35
N TYR A 178 0.86 -26.29 5.37
CA TYR A 178 1.37 -25.36 4.37
C TYR A 178 2.88 -25.52 4.21
N PRO A 179 3.33 -26.66 3.66
CA PRO A 179 4.77 -26.91 3.53
C PRO A 179 5.45 -26.01 2.50
N GLU A 180 4.70 -25.58 1.49
CA GLU A 180 5.24 -24.66 0.48
C GLU A 180 5.69 -23.34 1.11
N VAL A 181 4.89 -22.82 2.03
CA VAL A 181 5.24 -21.58 2.74
C VAL A 181 6.42 -21.80 3.68
N LYS A 182 6.45 -22.95 4.35
CA LYS A 182 7.57 -23.27 5.25
C LYS A 182 8.87 -23.41 4.47
N GLU A 183 8.82 -24.16 3.36
CA GLU A 183 9.92 -24.28 2.37
C GLU A 183 10.40 -22.90 1.95
N HIS A 184 9.44 -22.04 1.63
CA HIS A 184 9.74 -20.69 1.19
C HIS A 184 10.48 -19.90 2.26
N MET A 185 9.93 -19.89 3.47
CA MET A 185 10.56 -19.21 4.62
C MET A 185 12.00 -19.68 4.82
N GLU A 186 12.22 -20.99 4.66
CA GLU A 186 13.53 -21.59 4.84
C GLU A 186 14.48 -21.17 3.71
N LYS A 187 13.98 -21.23 2.47
CA LYS A 187 14.76 -20.86 1.29
C LYS A 187 15.30 -19.44 1.36
N ILE A 188 14.42 -18.50 1.69
CA ILE A 188 14.80 -17.09 1.78
C ILE A 188 15.78 -16.87 2.92
N ARG A 189 15.41 -17.33 4.11
CA ARG A 189 16.20 -17.08 5.32
C ARG A 189 17.48 -17.90 5.41
N ALA A 190 17.68 -18.82 4.46
CA ALA A 190 18.95 -19.56 4.36
C ALA A 190 20.02 -18.77 3.60
N ILE A 191 19.63 -17.69 2.92
CA ILE A 191 20.57 -16.87 2.15
C ILE A 191 21.60 -16.22 3.10
N PRO A 192 22.88 -16.60 2.96
CA PRO A 192 23.95 -16.21 3.90
C PRO A 192 23.94 -14.76 4.40
N LYS A 193 23.84 -13.79 3.50
CA LYS A 193 23.79 -12.37 3.91
C LYS A 193 22.58 -12.06 4.76
N LEU A 194 21.46 -12.71 4.47
CA LEU A 194 20.23 -12.55 5.26
C LEU A 194 20.41 -13.24 6.61
N LYS A 195 20.78 -14.53 6.56
CA LYS A 195 21.03 -15.33 7.77
C LYS A 195 22.00 -14.62 8.72
N LYS A 196 23.08 -14.08 8.15
CA LYS A 196 24.04 -13.31 8.93
C LYS A 196 23.41 -12.13 9.65
N TRP A 197 22.53 -11.42 8.95
CA TRP A 197 21.80 -10.31 9.56
C TRP A 197 20.86 -10.81 10.65
N ILE A 198 20.14 -11.90 10.38
CA ILE A 198 19.27 -12.54 11.38
C ILE A 198 20.07 -12.89 12.65
N GLU A 199 21.29 -13.38 12.46
CA GLU A 199 22.13 -13.84 13.56
C GLU A 199 22.80 -12.72 14.39
N THR A 200 22.91 -11.53 13.80
CA THR A 200 23.64 -10.43 14.43
C THR A 200 22.85 -9.12 14.60
N ARG A 201 21.54 -9.16 14.36
CA ARG A 201 20.69 -7.99 14.59
C ARG A 201 20.23 -7.97 16.04
N PRO A 202 19.79 -6.80 16.54
CA PRO A 202 19.30 -6.75 17.93
C PRO A 202 18.09 -7.66 18.14
N GLU A 203 18.26 -8.66 19.00
CA GLU A 203 17.17 -9.55 19.37
C GLU A 203 16.04 -8.81 20.08
N THR A 204 15.09 -8.33 19.30
CA THR A 204 13.83 -7.81 19.81
C THR A 204 12.75 -8.83 19.51
N LEU A 205 11.72 -8.93 20.35
CA LEU A 205 10.56 -9.72 19.94
C LEU A 205 9.71 -8.81 19.05
N PHE A 206 9.36 -9.32 17.87
CA PHE A 206 8.73 -8.54 16.78
C PHE A 206 9.48 -7.25 16.40
N VAL B 2 -1.21 -2.66 -27.21
CA VAL B 2 -1.54 -3.39 -25.95
C VAL B 2 -3.03 -3.23 -25.63
N HIS B 3 -3.67 -4.35 -25.30
CA HIS B 3 -5.10 -4.40 -24.98
C HIS B 3 -5.26 -4.48 -23.45
N TYR B 4 -5.88 -3.46 -22.87
CA TYR B 4 -6.10 -3.36 -21.42
C TYR B 4 -7.54 -3.67 -21.05
N LYS B 5 -7.73 -4.53 -20.05
CA LYS B 5 -9.07 -4.89 -19.56
C LYS B 5 -9.15 -4.69 -18.05
N LEU B 6 -9.98 -3.73 -17.63
CA LEU B 6 -10.17 -3.45 -16.20
C LEU B 6 -11.51 -4.01 -15.73
N THR B 7 -11.45 -4.86 -14.69
CA THR B 7 -12.64 -5.50 -14.15
C THR B 7 -12.86 -5.06 -12.69
N TYR B 8 -14.03 -4.46 -12.44
CA TYR B 8 -14.40 -3.95 -11.12
C TYR B 8 -15.93 -3.87 -11.04
N PHE B 9 -16.49 -3.46 -9.91
CA PHE B 9 -17.94 -3.26 -9.78
C PHE B 9 -18.44 -2.00 -10.50
N ALA B 10 -19.75 -1.86 -10.62
CA ALA B 10 -20.38 -0.71 -11.30
C ALA B 10 -20.36 0.54 -10.40
N ILE B 11 -19.16 1.03 -10.14
CA ILE B 11 -18.92 2.16 -9.24
C ILE B 11 -17.51 2.68 -9.50
N ARG B 12 -17.20 3.85 -8.96
CA ARG B 12 -15.86 4.42 -9.11
C ARG B 12 -14.87 3.76 -8.14
N GLY B 13 -15.09 3.93 -6.84
CA GLY B 13 -14.29 3.29 -5.80
C GLY B 13 -12.80 3.20 -6.10
N ALA B 14 -12.22 2.02 -5.89
CA ALA B 14 -10.79 1.80 -6.06
C ALA B 14 -10.36 1.55 -7.51
N GLY B 15 -11.33 1.41 -8.42
CA GLY B 15 -11.04 1.24 -9.84
C GLY B 15 -10.92 2.53 -10.64
N GLU B 16 -11.44 3.63 -10.10
CA GLU B 16 -11.50 4.91 -10.83
C GLU B 16 -10.12 5.48 -11.18
N CYS B 17 -9.18 5.37 -10.25
CA CYS B 17 -7.84 5.92 -10.47
C CYS B 17 -7.21 5.36 -11.74
N ALA B 18 -7.28 4.04 -11.89
CA ALA B 18 -6.81 3.37 -13.10
C ALA B 18 -7.56 3.87 -14.34
N ARG B 19 -8.87 4.05 -14.22
CA ARG B 19 -9.69 4.56 -15.34
C ARG B 19 -9.29 5.98 -15.77
N GLN B 20 -9.00 6.84 -14.80
CA GLN B 20 -8.60 8.22 -15.09
C GLN B 20 -7.23 8.29 -15.78
N ILE B 21 -6.36 7.34 -15.49
CA ILE B 21 -5.05 7.25 -16.16
C ILE B 21 -5.23 6.90 -17.63
N PHE B 22 -6.04 5.89 -17.92
CA PHE B 22 -6.35 5.52 -19.31
C PHE B 22 -6.94 6.68 -20.11
N ALA B 23 -7.73 7.51 -19.45
CA ALA B 23 -8.33 8.70 -20.08
C ALA B 23 -7.26 9.74 -20.36
N LEU B 24 -6.38 9.97 -19.38
CA LEU B 24 -5.30 10.95 -19.53
C LEU B 24 -4.22 10.52 -20.54
N ALA B 25 -4.09 9.21 -20.74
CA ALA B 25 -3.16 8.66 -21.73
C ALA B 25 -3.80 8.48 -23.11
N ASP B 26 -5.07 8.86 -23.25
CA ASP B 26 -5.83 8.61 -24.48
C ASP B 26 -5.72 7.14 -24.91
N GLN B 27 -5.89 6.23 -23.96
CA GLN B 27 -5.73 4.80 -24.18
C GLN B 27 -7.06 4.06 -24.13
N GLU B 28 -7.46 3.45 -25.24
CA GLU B 28 -8.61 2.53 -25.25
C GLU B 28 -8.41 1.38 -24.28
N PHE B 29 -9.49 0.98 -23.62
CA PHE B 29 -9.44 -0.14 -22.67
C PHE B 29 -10.85 -0.71 -22.43
N GLU B 30 -10.91 -1.99 -22.11
CA GLU B 30 -12.18 -2.67 -21.82
C GLU B 30 -12.55 -2.44 -20.36
N ASP B 31 -13.55 -1.60 -20.14
CA ASP B 31 -14.01 -1.28 -18.79
C ASP B 31 -15.17 -2.17 -18.39
N VAL B 32 -14.85 -3.30 -17.76
CA VAL B 32 -15.86 -4.28 -17.36
C VAL B 32 -16.39 -3.92 -15.97
N ARG B 33 -17.70 -3.70 -15.88
CA ARG B 33 -18.37 -3.41 -14.62
C ARG B 33 -19.33 -4.54 -14.28
N LEU B 34 -19.05 -5.25 -13.18
CA LEU B 34 -19.79 -6.47 -12.82
C LEU B 34 -20.83 -6.22 -11.73
N ASP B 35 -21.81 -7.13 -11.66
CA ASP B 35 -22.76 -7.16 -10.56
C ASP B 35 -22.44 -8.34 -9.63
N LYS B 36 -23.19 -8.47 -8.54
CA LYS B 36 -22.89 -9.47 -7.52
C LYS B 36 -22.96 -10.91 -8.05
N GLU B 37 -23.88 -11.17 -8.98
CA GLU B 37 -23.97 -12.49 -9.61
C GLU B 37 -22.73 -12.79 -10.47
N GLN B 38 -22.35 -11.82 -11.30
CA GLN B 38 -21.22 -11.98 -12.23
C GLN B 38 -19.87 -12.08 -11.52
N PHE B 39 -19.72 -11.31 -10.45
CA PHE B 39 -18.49 -11.35 -9.67
C PHE B 39 -18.30 -12.73 -9.01
N ALA B 40 -19.39 -13.31 -8.54
CA ALA B 40 -19.36 -14.64 -7.92
C ALA B 40 -18.85 -15.71 -8.89
N LYS B 41 -19.20 -15.56 -10.17
CA LYS B 41 -18.80 -16.50 -11.22
C LYS B 41 -17.31 -16.43 -11.57
N VAL B 42 -16.72 -15.23 -11.48
CA VAL B 42 -15.32 -15.02 -11.85
C VAL B 42 -14.38 -14.99 -10.63
N LYS B 43 -14.96 -14.76 -9.44
CA LYS B 43 -14.16 -14.57 -8.20
C LYS B 43 -13.09 -15.63 -7.95
N PRO B 44 -13.43 -16.92 -8.11
CA PRO B 44 -12.45 -17.97 -7.80
C PRO B 44 -11.19 -17.94 -8.67
N ASP B 45 -11.28 -17.35 -9.86
CA ASP B 45 -10.14 -17.31 -10.79
C ASP B 45 -9.38 -15.98 -10.76
N LEU B 46 -9.62 -15.17 -9.73
CA LEU B 46 -8.91 -13.91 -9.55
C LEU B 46 -7.77 -14.10 -8.56
N PRO B 47 -6.67 -13.36 -8.75
CA PRO B 47 -5.47 -13.55 -7.90
C PRO B 47 -5.77 -13.66 -6.40
N PHE B 48 -6.49 -12.68 -5.85
CA PHE B 48 -6.82 -12.67 -4.42
C PHE B 48 -8.32 -12.67 -4.17
N GLY B 49 -9.09 -13.15 -5.15
CA GLY B 49 -10.54 -13.29 -5.03
C GLY B 49 -11.28 -11.97 -4.93
N GLN B 50 -10.70 -10.94 -5.54
CA GLN B 50 -11.10 -9.56 -5.29
C GLN B 50 -10.88 -8.69 -6.55
N VAL B 51 -11.61 -7.59 -6.63
CA VAL B 51 -11.45 -6.60 -7.70
C VAL B 51 -11.10 -5.24 -7.09
N PRO B 52 -10.44 -4.35 -7.84
CA PRO B 52 -10.11 -4.35 -9.27
C PRO B 52 -9.02 -5.33 -9.69
N VAL B 53 -9.08 -5.75 -10.95
CA VAL B 53 -8.06 -6.62 -11.54
C VAL B 53 -7.77 -6.12 -12.95
N LEU B 54 -6.50 -5.82 -13.23
CA LEU B 54 -6.08 -5.38 -14.55
C LEU B 54 -5.55 -6.58 -15.33
N GLU B 55 -5.96 -6.66 -16.61
CA GLU B 55 -5.43 -7.68 -17.52
C GLU B 55 -4.71 -7.01 -18.68
N VAL B 56 -3.40 -7.20 -18.74
CA VAL B 56 -2.57 -6.66 -19.82
C VAL B 56 -2.23 -7.79 -20.80
N ASP B 57 -2.93 -7.81 -21.94
CA ASP B 57 -2.78 -8.85 -22.96
C ASP B 57 -2.89 -10.26 -22.36
N GLY B 58 -3.88 -10.44 -21.48
CA GLY B 58 -4.09 -11.71 -20.79
C GLY B 58 -3.57 -11.77 -19.36
N LYS B 59 -2.42 -11.17 -19.10
CA LYS B 59 -1.76 -11.26 -17.78
C LYS B 59 -2.53 -10.51 -16.70
N GLN B 60 -3.04 -11.23 -15.71
CA GLN B 60 -3.79 -10.64 -14.60
C GLN B 60 -2.89 -9.94 -13.60
N LEU B 61 -3.40 -8.83 -13.07
CA LEU B 61 -2.70 -8.03 -12.04
C LEU B 61 -3.73 -7.43 -11.10
N ALA B 62 -3.70 -7.84 -9.83
CA ALA B 62 -4.66 -7.36 -8.82
C ALA B 62 -4.12 -6.16 -8.04
N GLN B 63 -4.94 -5.62 -7.14
CA GLN B 63 -4.60 -4.52 -6.23
C GLN B 63 -4.48 -3.12 -6.88
N SER B 64 -5.37 -2.21 -6.47
CA SER B 64 -5.51 -0.89 -7.09
C SER B 64 -4.25 -0.05 -7.13
N LEU B 65 -3.48 -0.07 -6.04
CA LEU B 65 -2.24 0.71 -5.96
C LEU B 65 -1.23 0.19 -6.96
N ALA B 66 -1.12 -1.14 -7.04
CA ALA B 66 -0.22 -1.80 -7.99
C ALA B 66 -0.67 -1.61 -9.43
N ILE B 67 -1.98 -1.61 -9.65
CA ILE B 67 -2.55 -1.34 -10.96
C ILE B 67 -2.26 0.10 -11.38
N CYS B 68 -2.62 1.06 -10.53
CA CYS B 68 -2.43 2.48 -10.83
C CYS B 68 -0.95 2.84 -11.03
N ARG B 69 -0.09 2.30 -10.17
CA ARG B 69 1.35 2.55 -10.28
C ARG B 69 1.91 1.98 -11.58
N TYR B 70 1.52 0.76 -11.91
CA TYR B 70 1.94 0.12 -13.16
C TYR B 70 1.55 0.97 -14.37
N LEU B 71 0.27 1.32 -14.45
CA LEU B 71 -0.24 2.14 -15.55
C LEU B 71 0.35 3.56 -15.55
N ALA B 72 0.67 4.08 -14.38
CA ALA B 72 1.33 5.37 -14.28
C ALA B 72 2.71 5.32 -14.91
N ARG B 73 3.47 4.27 -14.62
CA ARG B 73 4.81 4.10 -15.15
C ARG B 73 4.83 3.98 -16.67
N GLN B 74 3.88 3.23 -17.22
CA GLN B 74 3.81 2.99 -18.66
C GLN B 74 3.55 4.27 -19.47
N PHE B 75 2.66 5.12 -18.95
CA PHE B 75 2.25 6.34 -19.64
C PHE B 75 2.90 7.62 -19.09
N GLY B 76 3.70 7.47 -18.04
CA GLY B 76 4.53 8.59 -17.54
C GLY B 76 3.81 9.54 -16.61
N PHE B 77 3.07 8.99 -15.64
CA PHE B 77 2.46 9.79 -14.57
C PHE B 77 2.92 9.27 -13.19
N ALA B 78 4.08 8.64 -13.15
CA ALA B 78 4.60 8.04 -11.92
C ALA B 78 5.51 8.98 -11.14
N GLY B 79 6.15 9.91 -11.86
CA GLY B 79 7.23 10.73 -11.31
C GLY B 79 8.42 10.63 -12.24
N LYS B 80 9.25 11.67 -12.25
CA LYS B 80 10.40 11.72 -13.17
C LYS B 80 11.70 11.11 -12.60
N SER B 81 11.61 10.48 -11.43
CA SER B 81 12.73 9.68 -10.89
C SER B 81 12.20 8.64 -9.88
N THR B 82 13.02 7.64 -9.57
CA THR B 82 12.61 6.57 -8.65
C THR B 82 12.32 7.09 -7.25
N PHE B 83 13.05 8.11 -6.82
CA PHE B 83 12.78 8.75 -5.53
C PHE B 83 11.46 9.53 -5.54
N ASP B 84 11.25 10.32 -6.59
CA ASP B 84 9.97 11.02 -6.75
C ASP B 84 8.82 10.02 -6.83
N GLU B 85 9.02 8.94 -7.56
CA GLU B 85 8.08 7.84 -7.58
C GLU B 85 7.86 7.25 -6.18
N ALA B 86 8.93 7.14 -5.40
CA ALA B 86 8.83 6.71 -4.01
C ALA B 86 8.03 7.69 -3.16
N VAL B 87 8.26 8.98 -3.36
CA VAL B 87 7.53 10.02 -2.63
C VAL B 87 6.05 10.04 -3.05
N VAL B 88 5.80 9.81 -4.33
CA VAL B 88 4.44 9.67 -4.85
C VAL B 88 3.77 8.42 -4.24
N ASP B 89 4.50 7.32 -4.18
CA ASP B 89 4.02 6.10 -3.51
C ASP B 89 3.64 6.36 -2.04
N SER B 90 4.44 7.20 -1.36
CA SER B 90 4.25 7.49 0.06
C SER B 90 2.93 8.22 0.32
N LEU B 91 2.61 9.17 -0.54
CA LEU B 91 1.34 9.90 -0.46
C LEU B 91 0.15 8.99 -0.71
N ALA B 92 0.32 8.03 -1.63
CA ALA B 92 -0.75 7.08 -1.96
C ALA B 92 -1.03 6.12 -0.81
N ASP B 93 0.02 5.67 -0.14
CA ASP B 93 -0.13 4.79 1.02
C ASP B 93 -0.70 5.54 2.23
N GLN B 94 -0.29 6.80 2.39
CA GLN B 94 -0.83 7.65 3.45
C GLN B 94 -2.32 7.90 3.20
N TYR B 95 -2.70 8.02 1.94
CA TYR B 95 -4.11 8.10 1.54
C TYR B 95 -4.85 6.81 1.88
N SER B 96 -4.22 5.66 1.61
CA SER B 96 -4.81 4.37 1.98
C SER B 96 -5.03 4.21 3.48
N ASP B 97 -4.03 4.60 4.28
CA ASP B 97 -4.15 4.57 5.75
C ASP B 97 -5.28 5.48 6.22
N TYR B 98 -5.44 6.60 5.51
CA TYR B 98 -6.51 7.56 5.77
C TYR B 98 -7.88 6.97 5.45
N ARG B 99 -7.96 6.13 4.43
CA ARG B 99 -9.21 5.43 4.12
C ARG B 99 -9.56 4.35 5.14
N VAL B 100 -8.55 3.70 5.70
CA VAL B 100 -8.76 2.74 6.78
C VAL B 100 -9.33 3.46 8.01
N GLU B 101 -8.82 4.65 8.29
CA GLU B 101 -9.31 5.48 9.40
C GLU B 101 -10.79 5.80 9.27
N ILE B 102 -11.22 6.21 8.09
CA ILE B 102 -12.60 6.67 7.86
C ILE B 102 -13.54 5.59 7.29
N LYS B 103 -13.10 4.33 7.22
CA LYS B 103 -13.95 3.23 6.74
C LYS B 103 -15.29 3.19 7.50
N SER B 104 -15.19 3.22 8.82
CA SER B 104 -16.35 3.32 9.70
C SER B 104 -17.37 4.34 9.26
N PHE B 105 -16.91 5.52 8.85
CA PHE B 105 -17.80 6.58 8.37
C PHE B 105 -18.21 6.40 6.90
N PHE B 106 -17.25 6.06 6.05
CA PHE B 106 -17.47 6.00 4.60
C PHE B 106 -18.57 5.01 4.21
N TYR B 107 -18.51 3.80 4.75
CA TYR B 107 -19.53 2.79 4.45
C TYR B 107 -20.90 3.13 5.06
N THR B 108 -20.92 3.91 6.13
CA THR B 108 -22.18 4.31 6.79
C THR B 108 -22.99 5.28 5.91
N VAL B 109 -22.36 6.35 5.44
CA VAL B 109 -23.05 7.34 4.60
C VAL B 109 -23.61 6.70 3.33
N ILE B 110 -22.78 5.99 2.58
CA ILE B 110 -23.21 5.38 1.33
C ILE B 110 -24.22 4.24 1.55
N GLY B 111 -24.20 3.64 2.73
CA GLY B 111 -25.22 2.66 3.14
C GLY B 111 -24.86 1.23 2.79
N MET B 112 -23.59 0.86 3.00
CA MET B 112 -23.15 -0.53 2.86
C MET B 112 -23.13 -1.19 4.24
N ARG B 113 -23.27 -0.37 5.28
CA ARG B 113 -23.58 -0.85 6.62
C ARG B 113 -24.32 0.25 7.38
N GLU B 114 -24.94 -0.15 8.49
CA GLU B 114 -25.58 0.81 9.37
C GLU B 114 -24.61 1.28 10.47
N GLY B 115 -24.81 2.52 10.91
CA GLY B 115 -23.91 3.14 11.89
C GLY B 115 -24.35 4.52 12.34
N ASP B 116 -23.75 4.99 13.42
CA ASP B 116 -24.07 6.29 14.00
C ASP B 116 -23.44 7.44 13.18
N VAL B 117 -24.24 8.07 12.33
CA VAL B 117 -23.68 8.89 11.25
C VAL B 117 -23.11 10.24 11.70
N GLU B 118 -23.83 10.94 12.57
CA GLU B 118 -23.43 12.28 13.00
C GLU B 118 -22.18 12.25 13.88
N GLN B 119 -22.08 11.28 14.78
CA GLN B 119 -20.94 11.16 15.67
C GLN B 119 -19.71 10.68 14.92
N LEU B 120 -19.90 9.70 14.03
CA LEU B 120 -18.81 9.21 13.18
C LEU B 120 -18.20 10.33 12.35
N LYS B 121 -19.04 11.28 11.93
CA LYS B 121 -18.57 12.44 11.17
C LYS B 121 -17.60 13.26 12.00
N LYS B 122 -18.06 13.75 13.14
CA LYS B 122 -17.30 14.69 13.95
C LYS B 122 -16.19 14.02 14.76
N GLU B 123 -16.39 12.77 15.16
CA GLU B 123 -15.43 12.08 16.02
C GLU B 123 -14.44 11.16 15.27
N VAL B 124 -14.73 10.82 14.01
CA VAL B 124 -13.83 9.99 13.20
C VAL B 124 -13.39 10.69 11.91
N LEU B 125 -14.35 11.10 11.08
CA LEU B 125 -14.03 11.67 9.75
C LEU B 125 -13.19 12.93 9.84
N LEU B 126 -13.77 14.00 10.39
CA LEU B 126 -13.13 15.32 10.39
C LEU B 126 -11.75 15.35 11.05
N PRO B 127 -11.57 14.62 12.17
CA PRO B 127 -10.24 14.48 12.77
C PRO B 127 -9.22 13.81 11.84
N ALA B 128 -9.63 12.74 11.16
CA ALA B 128 -8.77 12.07 10.19
C ALA B 128 -8.44 13.00 9.01
N ARG B 129 -9.44 13.76 8.57
CA ARG B 129 -9.25 14.72 7.49
C ARG B 129 -8.28 15.83 7.87
N ASP B 130 -8.46 16.38 9.08
CA ASP B 130 -7.58 17.43 9.60
C ASP B 130 -6.13 17.00 9.50
N LYS B 131 -5.82 15.86 10.12
CA LYS B 131 -4.48 15.30 10.11
C LYS B 131 -3.97 15.06 8.68
N PHE B 132 -4.83 14.49 7.83
CA PHE B 132 -4.44 14.13 6.48
C PHE B 132 -4.19 15.34 5.60
N PHE B 133 -5.13 16.28 5.60
CA PHE B 133 -4.97 17.54 4.87
C PHE B 133 -3.81 18.38 5.40
N GLY B 134 -3.49 18.23 6.69
CA GLY B 134 -2.31 18.85 7.26
C GLY B 134 -1.05 18.46 6.52
N PHE B 135 -0.89 17.16 6.26
CA PHE B 135 0.24 16.65 5.48
C PHE B 135 0.10 17.04 4.00
N ILE B 136 -1.11 16.97 3.47
CA ILE B 136 -1.37 17.33 2.07
C ILE B 136 -1.03 18.80 1.82
N THR B 137 -1.57 19.70 2.64
CA THR B 137 -1.29 21.13 2.54
C THR B 137 0.22 21.35 2.54
N LYS B 138 0.90 20.72 3.49
CA LYS B 138 2.37 20.73 3.56
C LYS B 138 3.07 20.47 2.24
N PHE B 139 2.58 19.47 1.52
CA PHE B 139 3.15 19.14 0.21
C PHE B 139 2.80 20.20 -0.83
N LEU B 140 1.58 20.74 -0.77
CA LEU B 140 1.13 21.75 -1.73
C LEU B 140 1.84 23.09 -1.55
N LYS B 141 2.04 23.53 -0.32
CA LYS B 141 2.79 24.76 -0.05
C LYS B 141 4.29 24.62 -0.38
N LYS B 142 4.78 23.38 -0.38
CA LYS B 142 6.14 23.07 -0.85
C LYS B 142 6.22 23.00 -2.39
N SER B 143 5.07 22.95 -3.05
CA SER B 143 5.01 22.80 -4.49
C SER B 143 4.76 24.14 -5.19
N PRO B 144 5.68 24.55 -6.09
CA PRO B 144 5.43 25.75 -6.88
C PRO B 144 4.47 25.49 -8.06
N SER B 145 4.54 24.29 -8.63
CA SER B 145 3.75 23.95 -9.81
C SER B 145 2.26 23.74 -9.55
N GLY B 146 1.90 23.42 -8.30
CA GLY B 146 0.53 23.07 -7.94
C GLY B 146 0.35 21.59 -7.62
N PHE B 147 1.08 20.72 -8.34
CA PHE B 147 0.94 19.27 -8.19
C PHE B 147 1.54 18.78 -6.86
N LEU B 148 1.06 17.64 -6.39
CA LEU B 148 1.45 17.13 -5.07
C LEU B 148 2.95 16.83 -4.95
N VAL B 149 3.59 16.47 -6.06
CA VAL B 149 5.01 16.13 -6.10
C VAL B 149 5.59 16.41 -7.50
N GLY B 150 6.81 16.93 -7.54
CA GLY B 150 7.47 17.27 -8.82
C GLY B 150 6.82 18.47 -9.48
N ASP B 151 7.08 18.65 -10.77
CA ASP B 151 6.52 19.76 -11.52
C ASP B 151 5.54 19.30 -12.62
N SER B 152 4.85 18.18 -12.36
CA SER B 152 3.92 17.60 -13.33
C SER B 152 2.95 16.63 -12.67
N LEU B 153 1.93 16.24 -13.42
CA LEU B 153 0.89 15.35 -12.91
C LEU B 153 1.45 13.97 -12.58
N THR B 154 1.08 13.46 -11.41
CA THR B 154 1.31 12.05 -11.07
C THR B 154 0.01 11.41 -10.57
N TRP B 155 -0.07 10.09 -10.69
CA TRP B 155 -1.30 9.34 -10.38
C TRP B 155 -1.91 9.58 -9.00
N VAL B 156 -1.14 10.06 -8.05
CA VAL B 156 -1.67 10.39 -6.73
C VAL B 156 -2.44 11.72 -6.74
N ASP B 157 -2.10 12.61 -7.66
CA ASP B 157 -2.91 13.79 -7.93
C ASP B 157 -4.33 13.39 -8.29
N LEU B 158 -4.48 12.27 -9.01
CA LEU B 158 -5.78 11.74 -9.40
C LEU B 158 -6.53 11.17 -8.20
N LEU B 159 -5.87 10.29 -7.45
CA LEU B 159 -6.44 9.69 -6.24
C LEU B 159 -7.04 10.75 -5.31
N VAL B 160 -6.25 11.78 -5.02
CA VAL B 160 -6.62 12.78 -4.01
C VAL B 160 -7.73 13.71 -4.53
N SER B 161 -7.65 14.11 -5.79
CA SER B 161 -8.72 14.93 -6.42
C SER B 161 -10.06 14.23 -6.42
N GLU B 162 -10.07 12.98 -6.89
CA GLU B 162 -11.29 12.19 -7.00
C GLU B 162 -11.95 11.98 -5.65
N HIS B 163 -11.14 11.73 -4.62
CA HIS B 163 -11.68 11.47 -3.29
C HIS B 163 -12.35 12.69 -2.70
N ASN B 164 -11.68 13.83 -2.78
CA ASN B 164 -12.24 15.09 -2.29
C ASN B 164 -13.50 15.51 -3.06
N ALA B 165 -13.49 15.31 -4.38
CA ALA B 165 -14.67 15.56 -5.21
C ALA B 165 -15.82 14.64 -4.82
N THR B 166 -15.52 13.38 -4.54
CA THR B 166 -16.52 12.42 -4.09
C THR B 166 -17.06 12.78 -2.70
N MET B 167 -16.18 13.12 -1.78
CA MET B 167 -16.57 13.43 -0.39
C MET B 167 -17.46 14.67 -0.26
N LEU B 168 -17.28 15.62 -1.19
CA LEU B 168 -18.15 16.82 -1.22
C LEU B 168 -19.62 16.46 -1.46
N THR B 169 -19.86 15.35 -2.14
CA THR B 169 -21.23 14.85 -2.36
C THR B 169 -21.96 14.58 -1.05
N PHE B 170 -21.25 13.96 -0.11
CA PHE B 170 -21.85 13.53 1.15
C PHE B 170 -21.65 14.55 2.26
N VAL B 171 -20.46 15.14 2.30
CA VAL B 171 -20.14 16.17 3.27
C VAL B 171 -19.75 17.44 2.50
N PRO B 172 -20.71 18.36 2.31
CA PRO B 172 -20.43 19.61 1.57
C PRO B 172 -19.39 20.53 2.24
N GLU B 173 -19.23 20.42 3.55
CA GLU B 173 -18.32 21.28 4.30
C GLU B 173 -16.90 20.70 4.45
N PHE B 174 -16.47 19.88 3.48
CA PHE B 174 -15.25 19.11 3.62
C PHE B 174 -13.98 19.95 3.45
N LEU B 175 -13.99 20.88 2.49
CA LEU B 175 -12.81 21.68 2.16
C LEU B 175 -12.93 23.16 2.55
N GLU B 176 -13.35 23.45 3.78
CA GLU B 176 -13.59 24.85 4.20
C GLU B 176 -12.31 25.62 4.57
N GLY B 177 -11.54 25.12 5.52
CA GLY B 177 -10.32 25.78 5.96
C GLY B 177 -9.07 25.26 5.25
N TYR B 178 -9.24 24.93 3.97
CA TYR B 178 -8.21 24.25 3.19
C TYR B 178 -8.30 24.64 1.71
N PRO B 179 -8.02 25.91 1.39
CA PRO B 179 -8.12 26.36 -0.01
C PRO B 179 -7.08 25.74 -0.94
N GLU B 180 -5.91 25.40 -0.41
CA GLU B 180 -4.87 24.75 -1.21
C GLU B 180 -5.36 23.41 -1.77
N VAL B 181 -6.07 22.64 -0.96
CA VAL B 181 -6.63 21.35 -1.40
C VAL B 181 -7.76 21.57 -2.39
N LYS B 182 -8.61 22.56 -2.15
CA LYS B 182 -9.70 22.87 -3.07
C LYS B 182 -9.15 23.30 -4.43
N GLU B 183 -8.19 24.21 -4.40
CA GLU B 183 -7.54 24.66 -5.62
C GLU B 183 -6.87 23.48 -6.35
N HIS B 184 -6.25 22.57 -5.58
CA HIS B 184 -5.66 21.36 -6.15
C HIS B 184 -6.69 20.50 -6.86
N MET B 185 -7.80 20.21 -6.18
CA MET B 185 -8.91 19.46 -6.76
C MET B 185 -9.39 20.08 -8.08
N GLU B 186 -9.46 21.41 -8.11
CA GLU B 186 -9.88 22.14 -9.32
C GLU B 186 -8.86 22.01 -10.42
N LYS B 187 -7.58 22.22 -10.07
CA LYS B 187 -6.48 22.18 -11.02
C LYS B 187 -6.43 20.85 -11.76
N ILE B 188 -6.49 19.76 -11.01
CA ILE B 188 -6.43 18.42 -11.59
C ILE B 188 -7.66 18.16 -12.46
N ARG B 189 -8.84 18.37 -11.88
CA ARG B 189 -10.10 18.02 -12.55
C ARG B 189 -10.50 18.99 -13.66
N ALA B 190 -9.72 20.07 -13.83
CA ALA B 190 -9.88 20.97 -14.97
C ALA B 190 -9.17 20.48 -16.24
N ILE B 191 -8.31 19.46 -16.10
CA ILE B 191 -7.55 18.92 -17.24
C ILE B 191 -8.52 18.27 -18.25
N PRO B 192 -8.61 18.83 -19.47
CA PRO B 192 -9.62 18.45 -20.46
C PRO B 192 -9.91 16.96 -20.62
N LYS B 193 -8.86 16.14 -20.77
CA LYS B 193 -9.05 14.69 -20.90
C LYS B 193 -9.67 14.07 -19.65
N LEU B 194 -9.33 14.60 -18.49
CA LEU B 194 -9.92 14.15 -17.23
C LEU B 194 -11.36 14.65 -17.13
N LYS B 195 -11.55 15.94 -17.30
CA LYS B 195 -12.88 16.55 -17.27
C LYS B 195 -13.83 15.84 -18.24
N LYS B 196 -13.35 15.56 -19.45
CA LYS B 196 -14.13 14.82 -20.45
C LYS B 196 -14.57 13.46 -19.92
N TRP B 197 -13.67 12.75 -19.23
CA TRP B 197 -14.01 11.48 -18.60
C TRP B 197 -15.02 11.67 -17.46
N ILE B 198 -14.82 12.68 -16.62
CA ILE B 198 -15.78 13.02 -15.57
C ILE B 198 -17.18 13.26 -16.16
N GLU B 199 -17.23 13.93 -17.31
CA GLU B 199 -18.50 14.31 -17.94
C GLU B 199 -19.21 13.18 -18.69
N THR B 200 -18.49 12.13 -19.03
CA THR B 200 -19.03 11.05 -19.86
C THR B 200 -18.89 9.64 -19.26
N ARG B 201 -18.50 9.55 -17.98
CA ARG B 201 -18.45 8.26 -17.29
C ARG B 201 -19.82 7.97 -16.67
N PRO B 202 -20.09 6.68 -16.36
CA PRO B 202 -21.36 6.35 -15.71
C PRO B 202 -21.54 7.05 -14.36
N GLU B 203 -22.54 7.93 -14.25
CA GLU B 203 -22.83 8.63 -13.00
C GLU B 203 -23.29 7.68 -11.89
N THR B 204 -22.33 7.13 -11.16
CA THR B 204 -22.61 6.33 -9.97
C THR B 204 -22.31 7.22 -8.78
N LEU B 205 -23.02 7.04 -7.69
CA LEU B 205 -22.63 7.68 -6.43
C LEU B 205 -21.58 6.79 -5.78
N PHE B 206 -20.53 7.41 -5.23
CA PHE B 206 -19.26 6.73 -4.92
C PHE B 206 -18.84 5.73 -6.01
N1 GSH C . 1.68 2.48 6.96
CA1 GSH C . 2.71 3.11 7.75
C1 GSH C . 4.07 2.54 7.42
O11 GSH C . 5.01 3.34 7.31
O12 GSH C . 4.19 1.31 7.29
CB1 GSH C . 2.44 2.86 9.22
CG1 GSH C . 3.56 3.45 10.08
CD1 GSH C . 3.12 3.51 11.51
OE1 GSH C . 1.94 3.44 11.81
N2 GSH C . 4.10 3.63 12.42
CA2 GSH C . 3.82 3.56 13.84
C2 GSH C . 4.03 4.85 14.57
O2 GSH C . 4.66 5.76 14.07
CB2 GSH C . 4.68 2.45 14.45
SG2 GSH C . 3.86 1.74 15.89
N3 GSH C . 3.45 4.93 15.78
CA3 GSH C . 3.50 6.12 16.61
C3 GSH C . 2.19 6.86 16.57
O31 GSH C . 1.95 7.64 15.61
O32 GSH C . 1.39 6.66 17.51
N1 GSH D . -6.81 -3.83 -1.32
CA1 GSH D . -7.72 -4.00 -2.45
C1 GSH D . -7.60 -2.81 -3.37
O11 GSH D . -6.90 -2.93 -4.39
O12 GSH D . -8.21 -1.75 -3.12
CB1 GSH D . -9.14 -4.16 -1.92
CG1 GSH D . -10.15 -4.39 -3.04
CD1 GSH D . -11.55 -4.49 -2.49
OE1 GSH D . -11.87 -3.88 -1.48
N2 GSH D . -12.38 -5.27 -3.17
CA2 GSH D . -13.76 -5.47 -2.75
C2 GSH D . -14.29 -6.78 -3.27
O2 GSH D . -13.71 -7.36 -4.17
CB2 GSH D . -14.65 -4.33 -3.24
SG2 GSH D . -16.17 -4.17 -2.26
N3 GSH D . -15.40 -7.22 -2.67
CA3 GSH D . -16.08 -8.44 -3.07
C3 GSH D . -15.45 -9.69 -2.51
O31 GSH D . -16.20 -10.54 -1.97
O32 GSH D . -14.21 -9.86 -2.62
#